data_8GJR
#
_entry.id   8GJR
#
_cell.length_a   163.487
_cell.length_b   163.487
_cell.length_c   74.959
_cell.angle_alpha   90.000
_cell.angle_beta   90.000
_cell.angle_gamma   120.000
#
_symmetry.space_group_name_H-M   'P 63 2 2'
#
loop_
_entity.id
_entity.type
_entity.pdbx_description
1 polymer 'CFTR inhibitory factor'
2 polymer 'Nanobody VHH114'
3 non-polymer 'CITRATE ANION'
4 water water
#
loop_
_entity_poly.entity_id
_entity_poly.type
_entity_poly.pdbx_seq_one_letter_code
_entity_poly.pdbx_strand_id
1 'polypeptide(L)'
;AEEFPVPNGFESAYREVDGVKLHYVKGGQGPLVMLVHGFGQTWYEWHQLMPELAKRFTVIAPDLPGLGQSEPPKTGYSGE
QVAVYLHKLARQFSPDRPFDLVAHDIGIWNTYPMVVKNQADIARLVYMEAPIPDARIYRFPAFTAQGESLVWHFSFFAAD
DRLAETLIAGKERFFLEHFIKSHASNTEVFSERLLDLYARSYAKPHSLNASFEYYRALNESVRQNAELAKTRLQMPTMTL
AGGGHGGMGTFQLEQMKAYAEDVEGHVLPGCGHWLPEECAAPMNRLVIDFLSRGR
;
C
2 'polypeptide(L)'
;MAQVKLQESGGGLVQPGESLTLSCAVSVRLSGITTMGWYRQAPGKQREMVASISRGGSTVYLDSVKGRFTVSRDNTKNTV
KLQMNSLKPEDTAIYYCNAKILLVASTDDYWGQGTQVTVSSGQAGQ
;
A
#
# COMPACT_ATOMS: atom_id res chain seq x y z
N ALA A 1 16.07 3.45 24.90
CA ALA A 1 16.46 4.32 23.80
C ALA A 1 15.29 4.57 22.86
N GLU A 2 15.36 5.68 22.11
CA GLU A 2 14.39 5.93 21.06
C GLU A 2 14.58 4.94 19.92
N GLU A 3 13.47 4.36 19.44
CA GLU A 3 13.58 3.40 18.34
C GLU A 3 13.86 4.07 17.00
N PHE A 4 13.44 5.32 16.82
CA PHE A 4 13.54 6.01 15.54
C PHE A 4 13.99 7.44 15.77
N PRO A 5 14.72 8.03 14.81
CA PRO A 5 15.19 9.42 14.97
C PRO A 5 14.02 10.41 14.95
N VAL A 6 14.05 11.35 15.89
CA VAL A 6 13.03 12.38 16.02
C VAL A 6 13.43 13.62 15.22
N PRO A 7 12.55 14.18 14.38
CA PRO A 7 12.93 15.37 13.62
C PRO A 7 13.14 16.59 14.52
N ASN A 8 14.05 17.47 14.10
CA ASN A 8 14.25 18.73 14.81
C ASN A 8 12.94 19.46 14.98
N GLY A 9 12.76 20.06 16.15
CA GLY A 9 11.53 20.75 16.45
C GLY A 9 10.41 19.86 16.96
N PHE A 10 10.66 18.57 17.11
CA PHE A 10 9.68 17.64 17.64
C PHE A 10 10.20 17.04 18.94
N GLU A 11 9.28 16.59 19.78
CA GLU A 11 9.60 15.95 21.04
C GLU A 11 8.99 14.55 21.09
N SER A 12 9.75 13.60 21.60
CA SER A 12 9.24 12.28 21.91
C SER A 12 8.73 12.30 23.33
N ALA A 13 7.47 11.90 23.54
CA ALA A 13 6.87 12.02 24.86
C ALA A 13 5.87 10.89 25.09
N TYR A 14 5.39 10.80 26.33
CA TYR A 14 4.44 9.76 26.74
C TYR A 14 3.29 10.39 27.50
N ARG A 15 2.11 9.79 27.36
CA ARG A 15 0.93 10.20 28.11
C ARG A 15 0.17 8.96 28.54
N GLU A 16 -0.23 8.92 29.81
CA GLU A 16 -1.07 7.82 30.29
C GLU A 16 -2.51 8.09 29.88
N VAL A 17 -3.12 7.11 29.21
CA VAL A 17 -4.49 7.23 28.70
C VAL A 17 -5.23 5.97 29.13
N ASP A 18 -6.20 6.12 30.03
CA ASP A 18 -6.99 5.00 30.54
C ASP A 18 -6.09 3.85 31.00
N GLY A 19 -5.04 4.19 31.74
CA GLY A 19 -4.14 3.19 32.28
C GLY A 19 -3.11 2.63 31.31
N VAL A 20 -3.03 3.17 30.09
CA VAL A 20 -2.11 2.68 29.07
C VAL A 20 -1.17 3.82 28.71
N LYS A 21 0.14 3.55 28.80
CA LYS A 21 1.14 4.59 28.52
C LYS A 21 1.42 4.61 27.02
N LEU A 22 0.96 5.67 26.36
CA LEU A 22 1.11 5.82 24.91
C LEU A 22 2.30 6.70 24.60
N HIS A 23 3.09 6.27 23.62
CA HIS A 23 4.18 7.07 23.09
C HIS A 23 3.69 7.89 21.91
N TYR A 24 4.17 9.12 21.79
CA TYR A 24 3.87 9.94 20.63
C TYR A 24 5.02 10.88 20.35
N VAL A 25 5.04 11.43 19.14
CA VAL A 25 5.97 12.48 18.74
C VAL A 25 5.13 13.69 18.35
N LYS A 26 5.45 14.86 18.93
CA LYS A 26 4.60 16.05 18.81
C LYS A 26 5.45 17.27 18.47
N GLY A 27 4.91 18.16 17.66
CA GLY A 27 5.61 19.40 17.34
C GLY A 27 4.67 20.33 16.61
N GLY A 28 5.15 21.57 16.39
CA GLY A 28 4.38 22.58 15.68
C GLY A 28 3.42 23.36 16.58
N GLN A 29 2.69 24.27 15.93
CA GLN A 29 1.73 25.13 16.61
C GLN A 29 0.50 25.31 15.74
N GLY A 30 -0.64 25.54 16.39
CA GLY A 30 -1.89 25.71 15.68
C GLY A 30 -2.88 24.61 15.98
N PRO A 31 -3.91 24.51 15.15
CA PRO A 31 -4.92 23.46 15.35
C PRO A 31 -4.28 22.08 15.25
N LEU A 32 -4.87 21.10 15.94
CA LEU A 32 -4.28 19.77 16.05
C LEU A 32 -4.59 18.91 14.83
N VAL A 33 -3.57 18.20 14.33
CA VAL A 33 -3.78 17.09 13.41
C VAL A 33 -3.07 15.86 13.99
N MET A 34 -3.79 14.74 14.07
CA MET A 34 -3.24 13.50 14.58
C MET A 34 -3.02 12.56 13.41
N LEU A 35 -1.81 11.97 13.32
CA LEU A 35 -1.45 11.05 12.26
C LEU A 35 -1.28 9.66 12.87
N VAL A 36 -1.97 8.66 12.30
CA VAL A 36 -2.04 7.34 12.91
C VAL A 36 -1.49 6.30 11.91
N HIS A 37 -0.38 5.66 12.29
CA HIS A 37 0.32 4.70 11.43
C HIS A 37 -0.43 3.35 11.36
N GLY A 38 0.15 2.41 10.60
CA GLY A 38 -0.45 1.10 10.45
C GLY A 38 0.49 -0.07 10.72
N PHE A 39 0.13 -1.24 10.19
CA PHE A 39 0.84 -2.47 10.50
C PHE A 39 2.25 -2.46 9.95
N GLY A 40 3.19 -3.02 10.72
CA GLY A 40 4.57 -3.10 10.30
C GLY A 40 5.36 -1.84 10.52
N GLN A 41 4.73 -0.78 11.03
CA GLN A 41 5.37 0.53 11.11
C GLN A 41 5.03 1.15 12.46
N THR A 42 5.43 2.42 12.60
CA THR A 42 5.30 3.20 13.82
C THR A 42 5.01 4.64 13.40
N TRP A 43 5.02 5.55 14.38
CA TRP A 43 4.90 6.98 14.09
C TRP A 43 5.89 7.42 13.02
N TYR A 44 7.05 6.76 12.93
CA TYR A 44 8.13 7.21 12.06
C TYR A 44 7.75 7.24 10.59
N GLU A 45 6.75 6.46 10.15
CA GLU A 45 6.39 6.59 8.75
C GLU A 45 5.98 8.02 8.39
N TRP A 46 5.55 8.81 9.36
CA TRP A 46 5.10 10.17 9.12
C TRP A 46 6.20 11.22 9.21
N HIS A 47 7.46 10.81 9.41
CA HIS A 47 8.49 11.80 9.78
C HIS A 47 8.81 12.75 8.64
N GLN A 48 8.47 12.42 7.40
CA GLN A 48 8.67 13.40 6.33
C GLN A 48 7.53 14.40 6.25
N LEU A 49 6.31 13.96 6.55
CA LEU A 49 5.15 14.83 6.50
C LEU A 49 5.09 15.77 7.70
N MET A 50 5.55 15.30 8.86
CA MET A 50 5.34 16.06 10.10
C MET A 50 5.95 17.45 10.10
N PRO A 51 7.21 17.66 9.68
CA PRO A 51 7.74 19.04 9.68
C PRO A 51 6.99 19.96 8.74
N GLU A 52 6.49 19.45 7.61
CA GLU A 52 5.74 20.27 6.68
C GLU A 52 4.39 20.67 7.26
N LEU A 53 3.69 19.73 7.90
CA LEU A 53 2.43 20.07 8.55
C LEU A 53 2.63 20.99 9.75
N ALA A 54 3.78 20.89 10.41
CA ALA A 54 4.03 21.66 11.62
C ALA A 54 4.17 23.16 11.35
N LYS A 55 4.32 23.58 10.09
CA LYS A 55 4.38 25.00 9.79
C LYS A 55 3.03 25.67 10.05
N ARG A 56 1.93 24.92 9.97
CA ARG A 56 0.59 25.47 10.18
C ARG A 56 -0.21 24.79 11.26
N PHE A 57 0.22 23.61 11.74
CA PHE A 57 -0.58 22.83 12.65
C PHE A 57 0.24 22.30 13.83
N THR A 58 -0.46 22.00 14.92
CA THR A 58 0.14 21.18 15.95
C THR A 58 -0.04 19.74 15.48
N VAL A 59 1.05 18.98 15.43
CA VAL A 59 1.08 17.64 14.84
C VAL A 59 1.41 16.64 15.94
N ILE A 60 0.59 15.61 16.10
CA ILE A 60 0.88 14.53 17.03
C ILE A 60 0.78 13.19 16.30
N ALA A 61 1.80 12.35 16.46
CA ALA A 61 1.86 11.05 15.81
C ALA A 61 2.12 9.97 16.86
N PRO A 62 1.08 9.31 17.36
CA PRO A 62 1.27 8.27 18.37
C PRO A 62 1.68 6.93 17.77
N ASP A 63 2.31 6.11 18.62
CA ASP A 63 2.43 4.68 18.35
C ASP A 63 1.15 3.97 18.79
N LEU A 64 0.59 3.14 17.91
CA LEU A 64 -0.59 2.36 18.25
C LEU A 64 -0.31 1.50 19.49
N PRO A 65 -1.32 1.30 20.35
CA PRO A 65 -1.14 0.45 21.54
C PRO A 65 -0.43 -0.86 21.21
N GLY A 66 0.63 -1.16 21.96
CA GLY A 66 1.41 -2.36 21.78
C GLY A 66 2.48 -2.29 20.72
N LEU A 67 2.44 -1.30 19.84
CA LEU A 67 3.40 -1.11 18.76
C LEU A 67 4.30 0.07 19.09
N GLY A 68 5.42 0.17 18.38
CA GLY A 68 6.38 1.22 18.70
C GLY A 68 6.74 1.19 20.19
N GLN A 69 6.68 2.36 20.82
CA GLN A 69 6.98 2.46 22.24
C GLN A 69 5.72 2.61 23.09
N SER A 70 4.55 2.20 22.58
CA SER A 70 3.31 2.29 23.35
C SER A 70 3.00 0.96 24.03
N GLU A 71 2.45 1.06 25.25
CA GLU A 71 2.01 -0.13 25.97
C GLU A 71 0.82 -0.78 25.27
N PRO A 72 0.67 -2.10 25.43
CA PRO A 72 -0.49 -2.78 24.87
C PRO A 72 -1.77 -2.24 25.49
N PRO A 73 -2.90 -2.37 24.80
CA PRO A 73 -4.17 -1.92 25.37
C PRO A 73 -4.57 -2.81 26.53
N LYS A 74 -5.35 -2.25 27.46
CA LYS A 74 -5.89 -3.05 28.55
C LYS A 74 -7.23 -3.67 28.21
N THR A 75 -8.01 -3.06 27.32
CA THR A 75 -9.34 -3.57 27.01
C THR A 75 -9.29 -4.65 25.94
N GLY A 76 -8.84 -4.28 24.73
CA GLY A 76 -8.74 -5.23 23.64
C GLY A 76 -8.23 -4.52 22.40
N TYR A 77 -8.17 -5.28 21.31
CA TYR A 77 -7.60 -4.81 20.06
C TYR A 77 -8.64 -4.57 18.97
N SER A 78 -9.93 -4.66 19.28
CA SER A 78 -10.92 -4.32 18.27
C SER A 78 -10.90 -2.82 18.02
N GLY A 79 -11.43 -2.43 16.84
CA GLY A 79 -11.38 -1.02 16.47
C GLY A 79 -12.07 -0.12 17.47
N GLU A 80 -13.23 -0.55 17.97
CA GLU A 80 -13.94 0.29 18.94
C GLU A 80 -13.14 0.44 20.23
N GLN A 81 -12.47 -0.63 20.67
CA GLN A 81 -11.70 -0.53 21.90
C GLN A 81 -10.48 0.36 21.74
N VAL A 82 -9.75 0.22 20.62
CA VAL A 82 -8.53 0.99 20.47
C VAL A 82 -8.83 2.46 20.21
N ALA A 83 -9.95 2.75 19.54
CA ALA A 83 -10.28 4.13 19.20
C ALA A 83 -10.50 4.99 20.45
N VAL A 84 -10.96 4.37 21.54
CA VAL A 84 -11.11 5.10 22.80
C VAL A 84 -9.80 5.74 23.21
N TYR A 85 -8.70 4.97 23.15
CA TYR A 85 -7.40 5.50 23.55
C TYR A 85 -6.98 6.65 22.65
N LEU A 86 -7.12 6.48 21.34
CA LEU A 86 -6.67 7.50 20.40
C LEU A 86 -7.51 8.76 20.50
N HIS A 87 -8.83 8.58 20.68
CA HIS A 87 -9.70 9.74 20.84
C HIS A 87 -9.33 10.53 22.09
N LYS A 88 -9.16 9.84 23.22
CA LYS A 88 -8.81 10.53 24.46
C LYS A 88 -7.44 11.19 24.35
N LEU A 89 -6.50 10.57 23.65
CA LEU A 89 -5.18 11.20 23.47
C LEU A 89 -5.31 12.50 22.69
N ALA A 90 -6.06 12.47 21.58
CA ALA A 90 -6.19 13.69 20.78
C ALA A 90 -6.90 14.78 21.57
N ARG A 91 -7.93 14.41 22.33
CA ARG A 91 -8.70 15.38 23.10
C ARG A 91 -7.90 15.97 24.25
N GLN A 92 -6.91 15.26 24.78
CA GLN A 92 -6.03 15.88 25.78
C GLN A 92 -5.31 17.09 25.20
N PHE A 93 -5.00 17.07 23.91
CA PHE A 93 -4.27 18.15 23.28
C PHE A 93 -5.15 19.14 22.53
N SER A 94 -6.39 18.76 22.21
CA SER A 94 -7.35 19.67 21.57
C SER A 94 -8.70 19.56 22.27
N PRO A 95 -8.77 19.96 23.55
CA PRO A 95 -10.03 19.78 24.30
C PRO A 95 -11.14 20.73 23.89
N ASP A 96 -10.84 21.86 23.29
CA ASP A 96 -11.85 22.89 23.06
C ASP A 96 -12.15 23.13 21.58
N ARG A 97 -11.61 22.31 20.69
CA ARG A 97 -11.74 22.54 19.27
C ARG A 97 -11.65 21.21 18.56
N PRO A 98 -12.36 21.01 17.45
CA PRO A 98 -12.17 19.77 16.69
C PRO A 98 -10.76 19.68 16.11
N PHE A 99 -10.34 18.46 15.81
CA PHE A 99 -9.01 18.23 15.27
C PHE A 99 -9.11 17.47 13.95
N ASP A 100 -8.02 17.45 13.20
CA ASP A 100 -7.92 16.71 11.95
C ASP A 100 -7.29 15.34 12.22
N LEU A 101 -7.63 14.37 11.37
CA LEU A 101 -7.17 13.00 11.53
C LEU A 101 -6.69 12.47 10.19
N VAL A 102 -5.45 11.95 10.16
CA VAL A 102 -4.91 11.25 9.01
C VAL A 102 -4.56 9.84 9.46
N ALA A 103 -5.04 8.83 8.75
CA ALA A 103 -4.78 7.47 9.20
C ALA A 103 -4.43 6.59 8.01
N HIS A 104 -3.53 5.64 8.26
CA HIS A 104 -2.98 4.74 7.25
C HIS A 104 -3.17 3.31 7.73
N ASP A 105 -3.67 2.45 6.84
CA ASP A 105 -3.72 0.99 7.07
C ASP A 105 -4.56 0.73 8.33
N ILE A 106 -4.09 -0.08 9.29
CA ILE A 106 -4.94 -0.38 10.44
C ILE A 106 -5.16 0.83 11.33
N GLY A 107 -4.44 1.92 11.11
CA GLY A 107 -4.83 3.17 11.73
C GLY A 107 -6.26 3.55 11.42
N ILE A 108 -6.74 3.19 10.21
CA ILE A 108 -8.13 3.37 9.85
C ILE A 108 -9.03 2.52 10.74
N TRP A 109 -8.69 1.23 10.87
CA TRP A 109 -9.50 0.35 11.72
C TRP A 109 -9.61 0.91 13.12
N ASN A 110 -8.54 1.52 13.61
CA ASN A 110 -8.47 1.91 15.00
C ASN A 110 -8.95 3.32 15.25
N THR A 111 -9.41 4.03 14.23
CA THR A 111 -9.97 5.36 14.39
C THR A 111 -11.40 5.49 13.90
N TYR A 112 -11.84 4.67 12.94
CA TYR A 112 -13.19 4.82 12.39
C TYR A 112 -14.26 4.90 13.47
N PRO A 113 -14.28 4.01 14.49
CA PRO A 113 -15.36 4.12 15.49
C PRO A 113 -15.39 5.44 16.24
N MET A 114 -14.24 6.04 16.55
CA MET A 114 -14.34 7.28 17.27
C MET A 114 -14.69 8.45 16.36
N VAL A 115 -14.41 8.34 15.06
CA VAL A 115 -14.87 9.36 14.11
C VAL A 115 -16.39 9.35 14.01
N VAL A 116 -16.97 8.16 13.77
CA VAL A 116 -18.42 8.07 13.61
C VAL A 116 -19.15 8.39 14.92
N LYS A 117 -18.53 8.17 16.08
CA LYS A 117 -19.22 8.39 17.34
C LYS A 117 -19.00 9.79 17.93
N ASN A 118 -18.02 10.54 17.43
CA ASN A 118 -17.72 11.89 17.93
C ASN A 118 -17.48 12.81 16.74
N GLN A 119 -18.45 12.86 15.83
CA GLN A 119 -18.24 13.57 14.57
C GLN A 119 -17.93 15.04 14.80
N ALA A 120 -18.50 15.66 15.83
CA ALA A 120 -18.21 17.06 16.11
C ALA A 120 -16.74 17.28 16.45
N ASP A 121 -16.02 16.24 16.89
CA ASP A 121 -14.62 16.39 17.26
C ASP A 121 -13.66 16.32 16.08
N ILE A 122 -14.13 15.91 14.89
CA ILE A 122 -13.27 15.70 13.73
C ILE A 122 -13.59 16.78 12.70
N ALA A 123 -12.63 17.66 12.44
CA ALA A 123 -12.84 18.71 11.45
C ALA A 123 -12.74 18.16 10.04
N ARG A 124 -11.60 17.56 9.70
CA ARG A 124 -11.35 16.97 8.40
C ARG A 124 -10.68 15.62 8.57
N LEU A 125 -10.86 14.74 7.59
CA LEU A 125 -10.45 13.34 7.70
C LEU A 125 -9.72 12.91 6.44
N VAL A 126 -8.56 12.25 6.62
CA VAL A 126 -7.83 11.65 5.51
C VAL A 126 -7.57 10.18 5.86
N TYR A 127 -8.03 9.27 5.01
CA TYR A 127 -7.86 7.84 5.18
C TYR A 127 -7.12 7.29 3.97
N MET A 128 -6.09 6.48 4.20
CA MET A 128 -5.32 5.96 3.08
C MET A 128 -4.95 4.48 3.26
N GLU A 129 -5.12 3.72 2.18
CA GLU A 129 -4.48 2.41 2.03
C GLU A 129 -4.89 1.37 3.07
N ALA A 130 -6.21 1.16 3.18
CA ALA A 130 -6.75 -0.05 3.81
C ALA A 130 -8.26 0.01 3.76
N PRO A 131 -8.92 -1.15 3.71
CA PRO A 131 -10.38 -1.16 3.86
C PRO A 131 -10.81 -0.83 5.27
N ILE A 132 -11.91 -0.06 5.38
CA ILE A 132 -12.59 -0.07 6.68
C ILE A 132 -13.10 -1.49 6.89
N PRO A 133 -13.00 -2.08 8.08
CA PRO A 133 -13.45 -3.47 8.24
C PRO A 133 -14.94 -3.61 8.03
N ASP A 134 -15.32 -4.32 6.97
CA ASP A 134 -16.71 -4.71 6.75
C ASP A 134 -16.71 -5.95 5.87
N ALA A 135 -17.90 -6.45 5.55
CA ALA A 135 -17.97 -7.72 4.83
C ALA A 135 -17.39 -7.67 3.42
N ARG A 136 -17.06 -6.48 2.89
CA ARG A 136 -16.40 -6.44 1.58
C ARG A 136 -15.07 -7.19 1.60
N ILE A 137 -14.42 -7.28 2.76
CA ILE A 137 -13.08 -7.86 2.77
C ILE A 137 -13.13 -9.36 2.58
N TYR A 138 -14.30 -9.98 2.78
CA TYR A 138 -14.48 -11.42 2.58
C TYR A 138 -14.51 -11.82 1.12
N ARG A 139 -14.45 -10.85 0.19
CA ARG A 139 -14.43 -11.15 -1.23
C ARG A 139 -13.03 -11.12 -1.83
N PHE A 140 -12.02 -10.61 -1.13
CA PHE A 140 -10.69 -10.51 -1.72
C PHE A 140 -10.14 -11.90 -2.03
N PRO A 141 -9.57 -12.12 -3.22
CA PRO A 141 -9.10 -13.47 -3.58
C PRO A 141 -7.88 -13.89 -2.78
N ALA A 142 -7.82 -15.19 -2.44
CA ALA A 142 -6.67 -15.73 -1.70
C ALA A 142 -5.43 -15.90 -2.57
N PHE A 143 -5.61 -16.20 -3.86
CA PHE A 143 -4.53 -16.57 -4.77
C PHE A 143 -4.87 -16.01 -6.15
N THR A 144 -3.85 -15.65 -6.92
CA THR A 144 -4.11 -14.91 -8.15
C THR A 144 -3.29 -15.48 -9.30
N ALA A 145 -3.69 -15.10 -10.52
CA ALA A 145 -2.93 -15.51 -11.69
C ALA A 145 -1.55 -14.87 -11.71
N GLN A 146 -1.34 -13.81 -10.91
CA GLN A 146 -0.01 -13.23 -10.74
C GLN A 146 0.78 -13.89 -9.61
N GLY A 147 0.24 -14.94 -9.01
CA GLY A 147 0.87 -15.60 -7.88
C GLY A 147 0.37 -15.10 -6.55
N GLU A 148 1.28 -15.07 -5.57
CA GLU A 148 0.97 -14.67 -4.20
C GLU A 148 0.11 -13.40 -4.16
N SER A 149 -1.01 -13.47 -3.44
CA SER A 149 -1.87 -12.31 -3.34
C SER A 149 -1.35 -11.34 -2.27
N LEU A 150 -2.02 -10.19 -2.17
CA LEU A 150 -1.68 -9.16 -1.20
C LEU A 150 -2.41 -9.32 0.12
N VAL A 151 -3.30 -10.31 0.24
CA VAL A 151 -4.22 -10.38 1.36
C VAL A 151 -4.21 -11.73 2.08
N TRP A 152 -3.35 -12.67 1.68
CA TRP A 152 -3.35 -13.95 2.39
C TRP A 152 -2.96 -13.78 3.86
N HIS A 153 -2.27 -12.69 4.22
CA HIS A 153 -1.89 -12.48 5.61
C HIS A 153 -3.09 -12.24 6.52
N PHE A 154 -4.25 -11.83 5.99
CA PHE A 154 -5.39 -11.62 6.88
C PHE A 154 -5.68 -12.89 7.68
N SER A 155 -5.74 -14.03 6.99
CA SER A 155 -6.05 -15.29 7.66
C SER A 155 -4.88 -15.77 8.50
N PHE A 156 -3.67 -15.66 7.96
CA PHE A 156 -2.46 -16.05 8.68
C PHE A 156 -2.35 -15.32 10.01
N PHE A 157 -2.51 -13.99 9.98
CA PHE A 157 -2.39 -13.18 11.19
C PHE A 157 -3.56 -13.42 12.14
N ALA A 158 -4.75 -13.70 11.60
CA ALA A 158 -5.92 -13.85 12.46
C ALA A 158 -6.02 -15.21 13.12
N ALA A 159 -5.23 -16.20 12.69
CA ALA A 159 -5.38 -17.57 13.21
C ALA A 159 -5.32 -17.58 14.73
N ASP A 160 -6.31 -18.24 15.35
CA ASP A 160 -6.54 -18.11 16.78
C ASP A 160 -5.47 -18.78 17.64
N ASP A 161 -4.64 -19.65 17.07
CA ASP A 161 -3.60 -20.31 17.84
C ASP A 161 -2.25 -19.57 17.78
N ARG A 162 -2.25 -18.33 17.38
CA ARG A 162 -1.01 -17.57 17.28
C ARG A 162 0.02 -18.20 16.38
N LEU A 163 -0.46 -18.79 15.30
CA LEU A 163 0.44 -19.35 14.31
C LEU A 163 1.46 -18.33 13.80
N ALA A 164 1.02 -17.08 13.58
CA ALA A 164 1.91 -16.07 13.02
C ALA A 164 3.07 -15.75 13.97
N GLU A 165 2.77 -15.48 15.25
CA GLU A 165 3.86 -15.28 16.22
C GLU A 165 4.79 -16.47 16.27
N THR A 166 4.21 -17.68 16.23
CA THR A 166 5.04 -18.89 16.36
C THR A 166 6.00 -19.04 15.19
N LEU A 167 5.53 -18.81 13.96
CA LEU A 167 6.37 -19.00 12.78
C LEU A 167 7.33 -17.84 12.56
N ILE A 168 6.92 -16.61 12.88
CA ILE A 168 7.74 -15.46 12.55
C ILE A 168 8.78 -15.14 13.63
N ALA A 169 8.53 -15.55 14.87
CA ALA A 169 9.53 -15.36 15.93
C ALA A 169 10.89 -15.92 15.49
N GLY A 170 11.94 -15.12 15.66
CA GLY A 170 13.24 -15.49 15.13
C GLY A 170 13.47 -15.20 13.66
N LYS A 171 12.41 -14.93 12.88
CA LYS A 171 12.52 -14.59 11.46
C LYS A 171 11.86 -13.25 11.16
N GLU A 172 11.86 -12.35 12.14
CA GLU A 172 11.07 -11.12 12.03
C GLU A 172 11.62 -10.23 10.93
N ARG A 173 12.93 -10.17 10.75
CA ARG A 173 13.51 -9.28 9.76
C ARG A 173 13.25 -9.80 8.35
N PHE A 174 13.38 -11.11 8.15
CA PHE A 174 13.08 -11.70 6.84
C PHE A 174 11.61 -11.48 6.48
N PHE A 175 10.72 -11.75 7.43
CA PHE A 175 9.31 -11.67 7.10
C PHE A 175 8.89 -10.23 6.80
N LEU A 176 9.37 -9.28 7.61
CA LEU A 176 8.95 -7.89 7.41
C LEU A 176 9.43 -7.36 6.07
N GLU A 177 10.65 -7.71 5.66
CA GLU A 177 11.09 -7.26 4.32
C GLU A 177 10.20 -7.88 3.25
N HIS A 178 9.92 -9.18 3.35
CA HIS A 178 8.99 -9.81 2.41
C HIS A 178 7.67 -9.05 2.35
N PHE A 179 7.08 -8.80 3.53
CA PHE A 179 5.77 -8.18 3.58
C PHE A 179 5.80 -6.77 3.03
N ILE A 180 6.76 -5.96 3.48
CA ILE A 180 6.79 -4.57 3.03
C ILE A 180 7.08 -4.50 1.53
N LYS A 181 8.13 -5.18 1.07
CA LYS A 181 8.45 -5.04 -0.34
C LYS A 181 7.37 -5.65 -1.23
N SER A 182 6.70 -6.72 -0.80
CA SER A 182 5.68 -7.30 -1.66
C SER A 182 4.44 -6.41 -1.74
N HIS A 183 4.27 -5.46 -0.82
CA HIS A 183 3.18 -4.50 -0.89
C HIS A 183 3.62 -3.14 -1.41
N ALA A 184 4.85 -3.03 -1.91
CA ALA A 184 5.42 -1.78 -2.39
C ALA A 184 5.62 -1.81 -3.90
N SER A 185 5.40 -0.65 -4.55
CA SER A 185 5.85 -0.40 -5.91
C SER A 185 7.26 0.21 -5.91
N ASN A 186 7.46 1.26 -5.13
CA ASN A 186 8.79 1.84 -4.92
C ASN A 186 9.49 1.03 -3.84
N THR A 187 10.17 -0.04 -4.25
CA THR A 187 10.88 -0.85 -3.26
C THR A 187 12.21 -0.22 -2.84
N GLU A 188 12.76 0.63 -3.68
CA GLU A 188 14.04 1.26 -3.43
C GLU A 188 14.11 2.05 -2.13
N VAL A 189 13.01 2.64 -1.71
CA VAL A 189 13.05 3.46 -0.50
C VAL A 189 13.19 2.60 0.74
N PHE A 190 12.91 1.30 0.66
CA PHE A 190 13.01 0.44 1.84
C PHE A 190 14.42 -0.15 1.88
N SER A 191 15.33 0.68 2.39
CA SER A 191 16.73 0.31 2.46
C SER A 191 16.97 -0.71 3.57
N GLU A 192 18.16 -1.30 3.57
CA GLU A 192 18.53 -2.21 4.64
C GLU A 192 18.35 -1.55 6.00
N ARG A 193 18.71 -0.27 6.11
CA ARG A 193 18.63 0.43 7.39
C ARG A 193 17.18 0.67 7.82
N LEU A 194 16.33 1.15 6.89
CA LEU A 194 14.95 1.41 7.27
C LEU A 194 14.26 0.12 7.69
N LEU A 195 14.46 -0.96 6.95
CA LEU A 195 13.87 -2.23 7.33
C LEU A 195 14.41 -2.74 8.66
N ASP A 196 15.71 -2.54 8.91
CA ASP A 196 16.27 -2.91 10.22
C ASP A 196 15.57 -2.18 11.35
N LEU A 197 15.31 -0.88 11.18
CA LEU A 197 14.65 -0.09 12.23
C LEU A 197 13.23 -0.59 12.49
N TYR A 198 12.43 -0.75 11.43
CA TYR A 198 11.07 -1.25 11.62
C TYR A 198 11.08 -2.67 12.18
N ALA A 199 12.02 -3.52 11.74
CA ALA A 199 12.03 -4.89 12.21
C ALA A 199 12.34 -4.97 13.71
N ARG A 200 13.30 -4.16 14.18
CA ARG A 200 13.64 -4.20 15.60
C ARG A 200 12.44 -3.80 16.45
N SER A 201 11.67 -2.82 15.99
CA SER A 201 10.52 -2.37 16.77
C SER A 201 9.45 -3.45 16.84
N TYR A 202 9.05 -4.02 15.69
CA TYR A 202 7.93 -4.94 15.82
C TYR A 202 8.36 -6.33 16.29
N ALA A 203 9.67 -6.60 16.38
CA ALA A 203 10.17 -7.89 16.88
C ALA A 203 10.16 -7.99 18.40
N LYS A 204 10.03 -6.87 19.11
CA LYS A 204 9.77 -6.93 20.55
C LYS A 204 8.62 -7.88 20.78
N PRO A 205 8.76 -8.88 21.68
CA PRO A 205 7.74 -9.95 21.75
C PRO A 205 6.33 -9.45 21.95
N HIS A 206 6.13 -8.42 22.80
CA HIS A 206 4.78 -7.91 22.98
C HIS A 206 4.31 -7.13 21.75
N SER A 207 5.22 -6.56 20.95
CA SER A 207 4.80 -5.85 19.74
C SER A 207 4.48 -6.82 18.61
N LEU A 208 5.22 -7.92 18.51
CA LEU A 208 4.88 -8.93 17.52
C LEU A 208 3.49 -9.51 17.80
N ASN A 209 3.21 -9.79 19.06
CA ASN A 209 1.88 -10.26 19.43
C ASN A 209 0.83 -9.19 19.17
N ALA A 210 1.11 -7.94 19.58
CA ALA A 210 0.14 -6.87 19.38
C ALA A 210 -0.19 -6.71 17.90
N SER A 211 0.83 -6.77 17.03
CA SER A 211 0.64 -6.68 15.58
C SER A 211 -0.47 -7.60 15.11
N PHE A 212 -0.43 -8.86 15.54
CA PHE A 212 -1.39 -9.83 15.00
C PHE A 212 -2.70 -9.83 15.78
N GLU A 213 -2.69 -9.33 17.03
CA GLU A 213 -3.93 -9.23 17.78
C GLU A 213 -4.92 -8.29 17.07
N TYR A 214 -4.41 -7.27 16.36
CA TYR A 214 -5.30 -6.40 15.59
C TYR A 214 -6.06 -7.19 14.53
N TYR A 215 -5.39 -8.16 13.90
CA TYR A 215 -6.07 -9.01 12.93
C TYR A 215 -6.93 -10.07 13.60
N ARG A 216 -6.50 -10.56 14.77
CA ARG A 216 -7.34 -11.52 15.47
C ARG A 216 -8.67 -10.88 15.87
N ALA A 217 -8.71 -9.56 16.00
CA ALA A 217 -9.92 -8.84 16.37
C ALA A 217 -10.69 -8.31 15.16
N LEU A 218 -10.24 -8.61 13.94
CA LEU A 218 -10.81 -7.99 12.75
C LEU A 218 -12.27 -8.35 12.54
N ASN A 219 -12.64 -9.63 12.75
CA ASN A 219 -14.05 -9.97 12.59
C ASN A 219 -14.91 -9.29 13.65
N GLU A 220 -14.37 -9.09 14.86
CA GLU A 220 -15.11 -8.31 15.85
C GLU A 220 -15.28 -6.86 15.40
N SER A 221 -14.23 -6.28 14.81
CA SER A 221 -14.36 -4.92 14.27
C SER A 221 -15.38 -4.87 13.14
N VAL A 222 -15.42 -5.90 12.29
CA VAL A 222 -16.45 -5.95 11.25
C VAL A 222 -17.84 -5.91 11.87
N ARG A 223 -18.07 -6.74 12.89
CA ARG A 223 -19.37 -6.77 13.56
C ARG A 223 -19.69 -5.41 14.18
N GLN A 224 -18.71 -4.79 14.83
CA GLN A 224 -18.91 -3.45 15.41
C GLN A 224 -19.30 -2.45 14.34
N ASN A 225 -18.61 -2.49 13.19
CA ASN A 225 -18.82 -1.47 12.17
C ASN A 225 -20.13 -1.65 11.44
N ALA A 226 -20.69 -2.87 11.42
CA ALA A 226 -21.99 -3.08 10.80
C ALA A 226 -23.07 -2.30 11.53
N GLU A 227 -22.91 -2.15 12.84
CA GLU A 227 -23.80 -1.29 13.61
C GLU A 227 -23.43 0.18 13.45
N LEU A 228 -22.14 0.52 13.58
CA LEU A 228 -21.73 1.91 13.55
C LEU A 228 -22.04 2.58 12.22
N ALA A 229 -21.96 1.84 11.11
CA ALA A 229 -22.06 2.45 9.78
C ALA A 229 -23.50 2.83 9.43
N LYS A 230 -24.47 2.55 10.28
CA LYS A 230 -25.83 3.04 10.07
C LYS A 230 -25.90 4.56 10.17
N THR A 231 -24.87 5.20 10.72
CA THR A 231 -24.72 6.65 10.76
C THR A 231 -23.58 7.04 9.80
N ARG A 232 -23.91 7.85 8.78
CA ARG A 232 -22.91 8.24 7.80
C ARG A 232 -22.03 9.38 8.31
N LEU A 233 -20.80 9.42 7.80
CA LEU A 233 -19.85 10.47 8.16
C LEU A 233 -20.17 11.76 7.41
N GLN A 234 -20.19 12.87 8.13
N GLN A 234 -20.20 12.88 8.14
CA GLN A 234 -20.62 14.15 7.57
CA GLN A 234 -20.63 14.15 7.59
C GLN A 234 -19.49 15.14 7.34
C GLN A 234 -19.50 15.14 7.34
N MET A 235 -18.29 14.92 7.92
CA MET A 235 -17.21 15.88 7.77
C MET A 235 -16.50 15.68 6.43
N PRO A 236 -15.76 16.65 5.97
CA PRO A 236 -15.06 16.50 4.70
C PRO A 236 -13.98 15.43 4.81
N THR A 237 -13.93 14.57 3.81
CA THR A 237 -13.10 13.41 3.83
C THR A 237 -12.32 13.32 2.55
N MET A 238 -11.08 12.87 2.66
CA MET A 238 -10.29 12.56 1.49
C MET A 238 -9.70 11.15 1.62
N THR A 239 -9.74 10.36 0.56
CA THR A 239 -9.05 9.08 0.54
C THR A 239 -7.87 9.11 -0.42
N LEU A 240 -6.81 8.37 -0.06
CA LEU A 240 -5.67 8.16 -0.92
C LEU A 240 -5.39 6.67 -1.04
N ALA A 241 -4.99 6.25 -2.23
CA ALA A 241 -4.68 4.85 -2.49
C ALA A 241 -3.54 4.80 -3.50
N GLY A 242 -2.74 3.74 -3.42
CA GLY A 242 -1.76 3.49 -4.48
C GLY A 242 -2.41 2.82 -5.67
N GLY A 243 -1.93 3.18 -6.86
CA GLY A 243 -2.39 2.55 -8.09
C GLY A 243 -1.39 1.57 -8.68
N GLY A 244 -0.21 1.47 -8.06
CA GLY A 244 0.78 0.49 -8.46
C GLY A 244 0.66 -0.80 -7.65
N HIS A 245 1.49 -1.77 -8.04
CA HIS A 245 1.59 -3.04 -7.33
C HIS A 245 1.57 -2.83 -5.84
N GLY A 246 0.63 -3.50 -5.15
CA GLY A 246 0.52 -3.43 -3.71
C GLY A 246 -0.57 -2.52 -3.18
N GLY A 247 -1.14 -1.65 -4.03
CA GLY A 247 -2.10 -0.66 -3.57
C GLY A 247 -3.55 -1.14 -3.54
N MET A 248 -4.41 -0.28 -2.98
CA MET A 248 -5.84 -0.51 -2.93
C MET A 248 -6.57 -0.08 -4.21
N GLY A 249 -5.93 0.72 -5.06
CA GLY A 249 -6.59 1.14 -6.29
C GLY A 249 -7.87 1.91 -5.99
N THR A 250 -8.88 1.70 -6.84
CA THR A 250 -10.14 2.42 -6.71
C THR A 250 -10.98 1.95 -5.52
N PHE A 251 -10.64 0.82 -4.91
CA PHE A 251 -11.48 0.28 -3.83
C PHE A 251 -11.60 1.26 -2.67
N GLN A 252 -10.53 2.01 -2.38
CA GLN A 252 -10.54 2.91 -1.23
C GLN A 252 -11.67 3.91 -1.32
N LEU A 253 -11.71 4.66 -2.44
CA LEU A 253 -12.76 5.66 -2.63
C LEU A 253 -14.13 5.02 -2.78
N GLU A 254 -14.23 3.92 -3.55
CA GLU A 254 -15.53 3.28 -3.75
C GLU A 254 -16.12 2.80 -2.44
N GLN A 255 -15.30 2.19 -1.57
CA GLN A 255 -15.84 1.83 -0.25
C GLN A 255 -16.23 3.07 0.54
N MET A 256 -15.39 4.10 0.52
CA MET A 256 -15.63 5.25 1.38
C MET A 256 -16.93 5.97 1.01
N LYS A 257 -17.33 5.93 -0.27
CA LYS A 257 -18.60 6.53 -0.68
C LYS A 257 -19.80 5.89 0.00
N ALA A 258 -19.65 4.67 0.53
CA ALA A 258 -20.71 4.07 1.31
C ALA A 258 -20.68 4.52 2.77
N TYR A 259 -19.63 5.21 3.20
CA TYR A 259 -19.49 5.64 4.58
C TYR A 259 -19.57 7.15 4.77
N ALA A 260 -19.19 7.93 3.77
CA ALA A 260 -19.01 9.38 3.92
C ALA A 260 -19.87 10.12 2.91
N GLU A 261 -20.53 11.19 3.38
CA GLU A 261 -21.37 12.00 2.50
C GLU A 261 -20.54 12.92 1.61
N ASP A 262 -19.42 13.42 2.12
CA ASP A 262 -18.59 14.43 1.45
C ASP A 262 -17.17 13.87 1.32
N VAL A 263 -16.87 13.25 0.17
CA VAL A 263 -15.62 12.51 0.01
C VAL A 263 -15.04 12.78 -1.36
N GLU A 264 -13.74 13.03 -1.41
CA GLU A 264 -12.97 13.04 -2.65
C GLU A 264 -11.85 12.02 -2.49
N GLY A 265 -11.40 11.46 -3.60
CA GLY A 265 -10.39 10.41 -3.55
C GLY A 265 -9.33 10.60 -4.62
N HIS A 266 -8.14 10.05 -4.35
CA HIS A 266 -7.05 10.06 -5.31
C HIS A 266 -6.38 8.70 -5.33
N VAL A 267 -5.95 8.29 -6.52
CA VAL A 267 -5.14 7.08 -6.69
C VAL A 267 -3.81 7.53 -7.27
N LEU A 268 -2.72 7.12 -6.61
CA LEU A 268 -1.40 7.61 -6.98
C LEU A 268 -0.70 6.60 -7.86
N PRO A 269 -0.50 6.86 -9.15
CA PRO A 269 0.06 5.85 -10.04
C PRO A 269 1.49 5.53 -9.68
N GLY A 270 1.87 4.26 -9.90
CA GLY A 270 3.21 3.80 -9.60
C GLY A 270 3.58 3.75 -8.14
N CYS A 271 2.59 3.89 -7.23
CA CYS A 271 2.82 3.80 -5.79
C CYS A 271 2.02 2.64 -5.21
N GLY A 272 2.61 1.94 -4.24
CA GLY A 272 1.93 0.82 -3.62
C GLY A 272 1.25 1.19 -2.32
N HIS A 273 1.40 0.30 -1.33
CA HIS A 273 0.73 0.46 -0.05
C HIS A 273 1.34 1.56 0.81
N TRP A 274 2.65 1.79 0.70
CA TRP A 274 3.37 2.57 1.70
C TRP A 274 3.51 4.02 1.25
N LEU A 275 2.36 4.69 1.08
CA LEU A 275 2.35 5.99 0.42
C LEU A 275 3.28 7.02 1.04
N PRO A 276 3.31 7.22 2.37
CA PRO A 276 4.20 8.26 2.91
C PRO A 276 5.66 8.08 2.51
N GLU A 277 6.11 6.84 2.36
CA GLU A 277 7.51 6.57 2.02
C GLU A 277 7.73 6.37 0.53
N GLU A 278 6.79 5.71 -0.16
CA GLU A 278 6.98 5.44 -1.58
C GLU A 278 6.80 6.69 -2.41
N CYS A 279 5.85 7.55 -2.05
CA CYS A 279 5.45 8.67 -2.88
C CYS A 279 5.23 9.91 -2.01
N ALA A 280 6.27 10.27 -1.24
CA ALA A 280 6.14 11.30 -0.22
C ALA A 280 5.74 12.64 -0.81
N ALA A 281 6.41 13.05 -1.90
CA ALA A 281 6.16 14.39 -2.45
C ALA A 281 4.72 14.57 -2.89
N PRO A 282 4.14 13.73 -3.77
CA PRO A 282 2.72 13.95 -4.13
C PRO A 282 1.77 13.68 -2.99
N MET A 283 2.05 12.69 -2.13
CA MET A 283 1.14 12.43 -1.02
C MET A 283 1.14 13.58 -0.02
N ASN A 284 2.32 14.07 0.35
CA ASN A 284 2.38 15.19 1.30
C ASN A 284 1.62 16.39 0.75
N ARG A 285 1.81 16.69 -0.53
CA ARG A 285 1.13 17.82 -1.18
C ARG A 285 -0.38 17.68 -1.06
N LEU A 286 -0.92 16.50 -1.37
CA LEU A 286 -2.36 16.28 -1.31
C LEU A 286 -2.89 16.44 0.11
N VAL A 287 -2.18 15.88 1.10
CA VAL A 287 -2.64 15.96 2.48
C VAL A 287 -2.62 17.41 2.95
N ILE A 288 -1.55 18.13 2.67
CA ILE A 288 -1.43 19.51 3.14
C ILE A 288 -2.49 20.40 2.49
N ASP A 289 -2.67 20.27 1.17
CA ASP A 289 -3.69 21.05 0.47
C ASP A 289 -5.08 20.77 1.03
N PHE A 290 -5.42 19.49 1.23
CA PHE A 290 -6.74 19.16 1.72
C PHE A 290 -7.00 19.74 3.12
N LEU A 291 -6.02 19.61 4.02
CA LEU A 291 -6.20 20.10 5.37
C LEU A 291 -6.11 21.62 5.46
N SER A 292 -5.48 22.28 4.50
CA SER A 292 -5.28 23.73 4.57
C SER A 292 -6.40 24.53 3.94
N ARG A 293 -7.30 23.91 3.18
CA ARG A 293 -8.41 24.63 2.56
C ARG A 293 -9.41 25.13 3.59
N VAL B 4 -2.24 4.45 -16.87
CA VAL B 4 -0.98 3.83 -17.28
C VAL B 4 -0.97 3.58 -18.77
N LYS B 5 0.12 4.01 -19.41
CA LYS B 5 0.20 3.93 -20.88
C LYS B 5 1.47 3.19 -21.31
N LEU B 6 1.34 2.36 -22.33
CA LEU B 6 2.43 1.57 -22.89
C LEU B 6 2.55 1.85 -24.38
N GLN B 7 3.77 1.90 -24.89
N GLN B 7 3.77 1.83 -24.90
CA GLN B 7 3.98 2.07 -26.33
CA GLN B 7 4.03 2.12 -26.31
C GLN B 7 5.12 1.17 -26.79
C GLN B 7 5.15 1.20 -26.80
N GLU B 8 4.81 0.25 -27.68
CA GLU B 8 5.79 -0.67 -28.23
C GLU B 8 6.48 -0.07 -29.45
N SER B 9 7.70 -0.52 -29.70
CA SER B 9 8.45 -0.11 -30.87
C SER B 9 9.44 -1.21 -31.21
N GLY B 10 10.04 -1.10 -32.40
CA GLY B 10 11.11 -1.99 -32.80
C GLY B 10 10.74 -3.09 -33.78
N GLY B 11 9.49 -3.16 -34.21
CA GLY B 11 9.10 -4.16 -35.18
C GLY B 11 9.56 -3.82 -36.58
N GLY B 12 9.41 -4.79 -37.48
CA GLY B 12 9.72 -4.56 -38.88
C GLY B 12 9.73 -5.86 -39.67
N LEU B 13 10.24 -5.73 -40.90
CA LEU B 13 10.33 -6.88 -41.81
C LEU B 13 11.78 -7.35 -41.89
N VAL B 14 12.02 -8.62 -41.61
CA VAL B 14 13.35 -9.22 -41.68
C VAL B 14 13.22 -10.58 -42.35
N GLN B 15 14.39 -11.16 -42.68
CA GLN B 15 14.50 -12.49 -43.26
C GLN B 15 14.78 -13.53 -42.20
N PRO B 16 14.49 -14.80 -42.47
CA PRO B 16 14.73 -15.85 -41.47
C PRO B 16 16.17 -15.87 -40.99
N GLY B 17 16.34 -16.12 -39.69
CA GLY B 17 17.65 -16.12 -39.06
C GLY B 17 18.09 -14.78 -38.52
N GLU B 18 17.43 -13.69 -38.90
CA GLU B 18 17.80 -12.38 -38.39
C GLU B 18 17.24 -12.17 -36.98
N SER B 19 17.64 -11.05 -36.38
CA SER B 19 17.26 -10.67 -35.03
C SER B 19 16.48 -9.37 -35.04
N LEU B 20 15.66 -9.18 -34.01
CA LEU B 20 14.95 -7.93 -33.76
C LEU B 20 14.90 -7.70 -32.26
N THR B 21 14.84 -6.43 -31.87
CA THR B 21 14.66 -6.07 -30.47
C THR B 21 13.41 -5.21 -30.37
N LEU B 22 12.40 -5.70 -29.67
CA LEU B 22 11.23 -4.92 -29.36
C LEU B 22 11.44 -4.23 -28.03
N SER B 23 10.88 -3.05 -27.87
CA SER B 23 10.96 -2.32 -26.62
C SER B 23 9.59 -1.76 -26.30
N CYS B 24 9.30 -1.61 -25.01
CA CYS B 24 8.03 -1.06 -24.57
C CYS B 24 8.30 0.01 -23.54
N ALA B 25 7.79 1.22 -23.81
CA ALA B 25 7.86 2.34 -22.90
C ALA B 25 6.67 2.31 -21.96
N VAL B 26 6.90 2.67 -20.70
CA VAL B 26 5.91 2.56 -19.64
C VAL B 26 5.83 3.90 -18.93
N SER B 27 4.62 4.41 -18.76
CA SER B 27 4.39 5.75 -18.22
C SER B 27 4.45 5.82 -16.70
N VAL B 28 4.52 4.68 -16.02
CA VAL B 28 4.69 4.68 -14.56
C VAL B 28 5.94 3.88 -14.23
N ARG B 29 6.37 4.01 -13.00
CA ARG B 29 7.48 3.28 -12.47
C ARG B 29 7.36 1.80 -12.78
N LEU B 30 8.37 1.23 -13.38
CA LEU B 30 8.29 -0.14 -13.88
C LEU B 30 8.13 -1.15 -12.74
N SER B 31 8.77 -0.89 -11.59
CA SER B 31 8.59 -1.80 -10.47
C SER B 31 7.18 -1.72 -9.88
N GLY B 32 6.36 -0.76 -10.31
CA GLY B 32 4.94 -0.78 -9.97
C GLY B 32 4.10 -1.71 -10.81
N ILE B 33 4.70 -2.36 -11.80
CA ILE B 33 3.99 -3.30 -12.67
C ILE B 33 4.34 -4.71 -12.23
N THR B 34 3.33 -5.47 -11.79
CA THR B 34 3.56 -6.81 -11.26
C THR B 34 4.11 -7.75 -12.33
N THR B 35 3.50 -7.76 -13.51
CA THR B 35 3.94 -8.64 -14.60
C THR B 35 3.87 -7.86 -15.91
N MET B 36 4.90 -7.95 -16.71
CA MET B 36 4.87 -7.50 -18.08
C MET B 36 4.97 -8.71 -18.98
N GLY B 37 4.01 -8.81 -19.86
CA GLY B 37 3.95 -9.95 -20.76
C GLY B 37 3.93 -9.49 -22.20
N TRP B 38 4.76 -10.13 -23.04
CA TRP B 38 4.69 -9.94 -24.48
C TRP B 38 3.74 -10.98 -25.06
N TYR B 39 2.75 -10.51 -25.82
CA TYR B 39 1.82 -11.38 -26.51
C TYR B 39 1.97 -11.16 -28.02
N ARG B 40 1.70 -12.18 -28.81
CA ARG B 40 1.65 -11.99 -30.26
C ARG B 40 0.33 -12.53 -30.81
N GLN B 41 -0.11 -11.91 -31.92
CA GLN B 41 -1.38 -12.26 -32.55
C GLN B 41 -1.15 -12.32 -34.06
N ALA B 42 -1.25 -13.50 -34.61
CA ALA B 42 -1.24 -13.65 -36.06
C ALA B 42 -2.68 -13.75 -36.57
N PRO B 43 -2.94 -13.35 -37.82
CA PRO B 43 -4.33 -13.27 -38.30
C PRO B 43 -5.01 -14.63 -38.24
N GLY B 44 -6.15 -14.67 -37.61
CA GLY B 44 -6.95 -15.86 -37.53
C GLY B 44 -6.46 -16.91 -36.58
N LYS B 45 -5.40 -16.62 -35.86
CA LYS B 45 -4.83 -17.55 -34.89
C LYS B 45 -5.22 -17.16 -33.47
N GLN B 46 -5.00 -18.05 -32.53
CA GLN B 46 -5.24 -17.70 -31.15
C GLN B 46 -4.06 -16.90 -30.68
N ARG B 47 -4.32 -15.88 -29.91
CA ARG B 47 -3.26 -15.11 -29.28
C ARG B 47 -2.39 -16.04 -28.43
N GLU B 48 -1.09 -15.74 -28.36
CA GLU B 48 -0.26 -16.52 -27.46
C GLU B 48 0.65 -15.60 -26.67
N MET B 49 0.99 -16.07 -25.47
CA MET B 49 1.86 -15.36 -24.54
C MET B 49 3.29 -15.80 -24.86
N VAL B 50 4.08 -14.87 -25.38
CA VAL B 50 5.43 -15.19 -25.86
C VAL B 50 6.42 -15.27 -24.71
N ALA B 51 6.42 -14.25 -23.84
CA ALA B 51 7.41 -14.12 -22.77
C ALA B 51 6.87 -13.12 -21.76
N SER B 52 6.83 -13.50 -20.48
CA SER B 52 6.48 -12.56 -19.43
C SER B 52 7.60 -12.50 -18.39
N ILE B 53 7.63 -11.40 -17.64
CA ILE B 53 8.64 -11.22 -16.60
C ILE B 53 8.01 -10.52 -15.40
N SER B 54 8.06 -11.16 -14.21
CA SER B 54 7.56 -10.49 -13.02
C SER B 54 8.53 -9.42 -12.54
N ARG B 55 8.08 -8.57 -11.64
CA ARG B 55 8.99 -7.50 -11.24
C ARG B 55 10.16 -8.02 -10.43
N GLY B 56 10.03 -9.20 -9.82
CA GLY B 56 11.19 -9.82 -9.23
C GLY B 56 12.09 -10.55 -10.20
N GLY B 57 11.61 -10.77 -11.42
CA GLY B 57 12.44 -11.36 -12.47
C GLY B 57 12.10 -12.76 -12.92
N SER B 58 11.04 -13.34 -12.40
CA SER B 58 10.61 -14.67 -12.85
C SER B 58 10.09 -14.58 -14.27
N THR B 59 10.50 -15.51 -15.14
CA THR B 59 10.10 -15.46 -16.53
C THR B 59 9.26 -16.68 -16.88
N VAL B 60 8.38 -16.50 -17.86
CA VAL B 60 7.61 -17.58 -18.48
C VAL B 60 7.76 -17.42 -19.98
N TYR B 61 8.08 -18.51 -20.68
CA TYR B 61 8.31 -18.47 -22.12
C TYR B 61 7.44 -19.48 -22.86
N LEU B 62 6.94 -19.07 -24.02
CA LEU B 62 6.34 -20.03 -24.94
C LEU B 62 7.40 -21.04 -25.38
N ASP B 63 7.05 -22.33 -25.37
CA ASP B 63 8.05 -23.37 -25.61
C ASP B 63 8.84 -23.12 -26.89
N SER B 64 8.14 -22.76 -27.97
CA SER B 64 8.76 -22.63 -29.29
C SER B 64 9.68 -21.43 -29.43
N VAL B 65 9.75 -20.53 -28.44
CA VAL B 65 10.70 -19.42 -28.46
C VAL B 65 11.81 -19.59 -27.43
N LYS B 66 11.75 -20.63 -26.60
CA LYS B 66 12.81 -20.83 -25.62
C LYS B 66 14.16 -20.99 -26.31
N GLY B 67 15.19 -20.37 -25.74
CA GLY B 67 16.49 -20.33 -26.36
C GLY B 67 16.65 -19.30 -27.46
N ARG B 68 15.55 -18.80 -28.03
CA ARG B 68 15.62 -17.80 -29.09
C ARG B 68 15.26 -16.40 -28.62
N PHE B 69 14.20 -16.26 -27.83
CA PHE B 69 13.74 -14.97 -27.33
C PHE B 69 14.12 -14.81 -25.86
N THR B 70 14.37 -13.56 -25.45
CA THR B 70 14.70 -13.23 -24.06
C THR B 70 13.98 -11.93 -23.68
N VAL B 71 13.20 -11.98 -22.60
CA VAL B 71 12.51 -10.79 -22.08
C VAL B 71 13.30 -10.25 -20.89
N SER B 72 13.34 -8.92 -20.75
CA SER B 72 14.05 -8.32 -19.63
C SER B 72 13.42 -6.98 -19.29
N ARG B 73 13.70 -6.54 -18.05
CA ARG B 73 13.31 -5.23 -17.56
C ARG B 73 14.54 -4.34 -17.43
N ASP B 74 14.38 -3.07 -17.76
CA ASP B 74 15.42 -2.07 -17.60
C ASP B 74 14.85 -0.98 -16.69
N ASN B 75 15.10 -1.09 -15.39
CA ASN B 75 14.52 -0.14 -14.43
C ASN B 75 15.17 1.24 -14.53
N THR B 76 16.37 1.33 -15.12
CA THR B 76 16.98 2.65 -15.33
C THR B 76 16.22 3.43 -16.40
N LYS B 77 16.01 2.84 -17.57
CA LYS B 77 15.28 3.50 -18.65
C LYS B 77 13.77 3.34 -18.53
N ASN B 78 13.28 2.51 -17.62
CA ASN B 78 11.86 2.27 -17.43
C ASN B 78 11.23 1.65 -18.68
N THR B 79 11.90 0.65 -19.24
CA THR B 79 11.43 -0.04 -20.43
C THR B 79 11.50 -1.54 -20.21
N VAL B 80 10.79 -2.26 -21.05
CA VAL B 80 10.82 -3.70 -21.11
C VAL B 80 11.23 -4.08 -22.53
N LYS B 81 12.02 -5.14 -22.64
CA LYS B 81 12.61 -5.51 -23.89
C LYS B 81 12.28 -6.94 -24.26
N LEU B 82 12.16 -7.20 -25.55
CA LEU B 82 12.08 -8.57 -26.05
C LEU B 82 13.14 -8.69 -27.13
N GLN B 83 14.19 -9.45 -26.83
CA GLN B 83 15.25 -9.74 -27.79
C GLN B 83 14.86 -11.00 -28.56
N MET B 84 14.70 -10.85 -29.87
CA MET B 84 14.25 -11.95 -30.72
C MET B 84 15.33 -12.40 -31.69
N ASN B 85 15.96 -13.53 -31.38
CA ASN B 85 16.99 -14.09 -32.24
C ASN B 85 16.44 -15.29 -33.02
N SER B 86 17.14 -15.63 -34.11
CA SER B 86 16.80 -16.78 -34.94
C SER B 86 15.33 -16.76 -35.37
N LEU B 87 14.89 -15.61 -35.87
CA LEU B 87 13.50 -15.42 -36.26
C LEU B 87 13.12 -16.33 -37.41
N LYS B 88 11.88 -16.80 -37.40
CA LYS B 88 11.35 -17.75 -38.36
C LYS B 88 10.01 -17.25 -38.88
N PRO B 89 9.56 -17.77 -40.03
CA PRO B 89 8.25 -17.33 -40.55
C PRO B 89 7.10 -17.50 -39.56
N GLU B 90 7.16 -18.54 -38.72
CA GLU B 90 6.14 -18.78 -37.70
C GLU B 90 6.04 -17.64 -36.70
N ASP B 91 7.03 -16.75 -36.64
CA ASP B 91 7.05 -15.67 -35.67
C ASP B 91 6.33 -14.42 -36.17
N THR B 92 5.88 -14.41 -37.42
CA THR B 92 5.15 -13.26 -37.95
C THR B 92 3.87 -13.05 -37.15
N ALA B 93 3.64 -11.82 -36.70
CA ALA B 93 2.50 -11.50 -35.86
C ALA B 93 2.62 -10.04 -35.44
N ILE B 94 1.55 -9.51 -34.89
CA ILE B 94 1.58 -8.28 -34.18
C ILE B 94 1.96 -8.61 -32.72
N TYR B 95 2.93 -7.89 -32.19
CA TYR B 95 3.45 -8.15 -30.85
C TYR B 95 2.97 -7.04 -29.92
N TYR B 96 2.37 -7.43 -28.80
CA TYR B 96 1.78 -6.51 -27.83
C TYR B 96 2.49 -6.69 -26.50
N CYS B 97 2.56 -5.60 -25.74
CA CYS B 97 2.99 -5.65 -24.36
C CYS B 97 1.78 -5.46 -23.45
N ASN B 98 1.70 -6.28 -22.40
CA ASN B 98 0.58 -6.29 -21.47
C ASN B 98 1.11 -6.09 -20.06
N ALA B 99 0.59 -5.08 -19.36
CA ALA B 99 0.98 -4.77 -17.99
C ALA B 99 -0.11 -5.24 -17.04
N LYS B 100 0.25 -6.07 -16.07
CA LYS B 100 -0.67 -6.50 -15.02
C LYS B 100 -0.26 -5.82 -13.72
N ILE B 101 -1.22 -5.26 -13.01
CA ILE B 101 -0.95 -4.60 -11.74
C ILE B 101 -1.80 -5.28 -10.67
N LEU B 102 -1.15 -6.01 -9.77
CA LEU B 102 -1.83 -6.69 -8.68
C LEU B 102 -2.22 -5.68 -7.61
N LEU B 103 -3.53 -5.56 -7.34
CA LEU B 103 -4.06 -4.75 -6.26
C LEU B 103 -4.75 -5.66 -5.24
N VAL B 104 -5.25 -5.05 -4.17
CA VAL B 104 -5.83 -5.82 -3.07
C VAL B 104 -7.07 -6.56 -3.55
N ALA B 105 -7.93 -5.91 -4.31
CA ALA B 105 -9.25 -6.46 -4.64
C ALA B 105 -9.36 -6.96 -6.07
N SER B 106 -8.43 -6.61 -6.93
CA SER B 106 -8.50 -6.98 -8.35
C SER B 106 -7.11 -6.85 -8.94
N THR B 107 -6.98 -7.20 -10.22
CA THR B 107 -5.75 -7.00 -10.97
C THR B 107 -6.04 -6.10 -12.16
N ASP B 108 -5.33 -4.98 -12.25
CA ASP B 108 -5.45 -4.06 -13.38
C ASP B 108 -4.79 -4.65 -14.62
N ASP B 109 -5.27 -4.22 -15.79
CA ASP B 109 -4.83 -4.80 -17.05
C ASP B 109 -4.67 -3.68 -18.08
N TYR B 110 -3.45 -3.50 -18.60
CA TYR B 110 -3.17 -2.46 -19.60
C TYR B 110 -2.43 -3.05 -20.81
N TRP B 111 -2.63 -2.43 -21.97
CA TRP B 111 -2.05 -2.93 -23.21
C TRP B 111 -1.52 -1.79 -24.07
N GLY B 112 -0.42 -2.05 -24.77
CA GLY B 112 0.01 -1.18 -25.84
C GLY B 112 -0.75 -1.44 -27.13
N GLN B 113 -0.44 -0.64 -28.15
CA GLN B 113 -1.14 -0.76 -29.43
C GLN B 113 -0.53 -1.84 -30.33
N GLY B 114 0.69 -2.26 -30.07
CA GLY B 114 1.28 -3.34 -30.81
C GLY B 114 2.23 -2.86 -31.89
N THR B 115 3.05 -3.80 -32.37
CA THR B 115 3.98 -3.52 -33.46
C THR B 115 4.10 -4.77 -34.31
N GLN B 116 4.09 -4.58 -35.63
CA GLN B 116 4.10 -5.69 -36.56
C GLN B 116 5.52 -6.25 -36.74
N VAL B 117 5.65 -7.57 -36.64
CA VAL B 117 6.88 -8.27 -36.97
C VAL B 117 6.57 -9.23 -38.11
N THR B 118 7.33 -9.13 -39.21
CA THR B 118 7.14 -9.98 -40.38
C THR B 118 8.45 -10.65 -40.74
N VAL B 119 8.47 -11.98 -40.75
CA VAL B 119 9.63 -12.75 -41.15
C VAL B 119 9.32 -13.39 -42.49
N SER B 120 10.00 -12.95 -43.54
CA SER B 120 9.74 -13.45 -44.89
C SER B 120 11.04 -13.71 -45.64
#